data_4UXH
#
_entry.id   4UXH
#
_cell.length_a   64.149
_cell.length_b   64.149
_cell.length_c   324.600
_cell.angle_alpha   90.00
_cell.angle_beta   90.00
_cell.angle_gamma   120.00
#
_symmetry.space_group_name_H-M   'P 65 2 2'
#
loop_
_entity.id
_entity.type
_entity.pdbx_description
1 polymer 'THYMIDINE KINASE'
2 non-polymer "P1-(5'-ADENOSYL)P5-(5'-THYMIDYL)PENTAPHOSPHATE"
3 non-polymer 'ZINC ION'
4 water water
#
_entity_poly.entity_id   1
_entity_poly.type   'polypeptide(L)'
_entity_poly.pdbx_seq_one_letter_code
;GPFRGRIELIIGPMFAGKTTELMRRVKREIHARRSCFVIKYSKDTRYDEHNVASHDQLMLRAQAAVSQLTEVRDTWKRFD
VLAIDEGQFFSDLVDFCNTAADAGKVVMVSALDGDYRRKPFGQICELVPYCEAVDKLTAVCMMCHEQPACFTRRTVNVEQ
QELIGGADMYIATCRECYSKQQLP
;
_entity_poly.pdbx_strand_id   A,B
#
loop_
_chem_comp.id
_chem_comp.type
_chem_comp.name
_chem_comp.formula
T5A non-polymer P1-(5'-ADENOSYL)P5-(5'-THYMIDYL)PENTAPHOSPHATE 'C20 H30 N7 O23 P5'
ZN non-polymer 'ZINC ION' 'Zn 2'
#
# COMPACT_ATOMS: atom_id res chain seq x y z
N ARG A 4 15.60 12.57 8.89
CA ARG A 4 15.80 12.06 7.49
C ARG A 4 14.49 11.85 6.73
N GLY A 5 14.52 12.22 5.46
CA GLY A 5 13.31 12.29 4.71
C GLY A 5 12.71 10.94 4.42
N ARG A 6 11.38 10.86 4.53
CA ARG A 6 10.68 9.64 4.25
C ARG A 6 9.21 9.92 4.00
N ILE A 7 8.52 8.96 3.37
CA ILE A 7 7.10 8.98 3.24
C ILE A 7 6.54 7.71 3.91
N GLU A 8 5.55 7.88 4.78
CA GLU A 8 4.86 6.80 5.46
C GLU A 8 3.39 6.92 5.12
N LEU A 9 2.80 5.80 4.77
CA LEU A 9 1.43 5.76 4.28
C LEU A 9 0.57 4.94 5.24
N ILE A 10 -0.57 5.50 5.61
CA ILE A 10 -1.47 4.86 6.54
C ILE A 10 -2.73 4.68 5.73
N ILE A 11 -3.07 3.43 5.38
CA ILE A 11 -4.24 3.17 4.57
C ILE A 11 -5.19 2.20 5.26
N GLY A 12 -6.31 1.91 4.62
CA GLY A 12 -7.31 1.02 5.15
C GLY A 12 -8.66 1.47 4.65
N PRO A 13 -9.73 0.77 5.02
CA PRO A 13 -11.08 1.24 4.69
C PRO A 13 -11.54 2.41 5.56
N MET A 14 -12.80 2.81 5.43
CA MET A 14 -13.39 3.77 6.35
C MET A 14 -13.58 3.13 7.73
N PHE A 15 -13.55 3.96 8.73
CA PHE A 15 -13.88 3.58 10.10
C PHE A 15 -12.75 2.82 10.78
N ALA A 16 -11.54 2.93 10.22
CA ALA A 16 -10.34 2.26 10.73
C ALA A 16 -9.43 3.11 11.66
N GLY A 17 -9.79 4.35 11.88
CA GLY A 17 -9.05 5.26 12.74
C GLY A 17 -7.75 5.73 12.11
N LYS A 18 -7.75 5.95 10.80
CA LYS A 18 -6.54 6.29 10.12
C LYS A 18 -6.04 7.65 10.56
N THR A 19 -6.97 8.61 10.73
CA THR A 19 -6.58 9.96 11.15
C THR A 19 -6.05 9.93 12.58
N THR A 20 -6.65 9.11 13.43
CA THR A 20 -6.18 8.96 14.78
C THR A 20 -4.76 8.40 14.82
N GLU A 21 -4.43 7.45 13.94
CA GLU A 21 -3.06 6.97 13.88
C GLU A 21 -2.11 8.05 13.34
N LEU A 22 -2.56 8.82 12.37
CA LEU A 22 -1.78 9.93 11.85
C LEU A 22 -1.45 10.92 12.95
N MET A 23 -2.45 11.26 13.77
CA MET A 23 -2.25 12.21 14.84
C MET A 23 -1.46 11.65 16.03
N ARG A 24 -1.52 10.33 16.23
CA ARG A 24 -0.62 9.68 17.17
C ARG A 24 0.81 9.88 16.72
N ARG A 25 1.07 9.75 15.43
CA ARG A 25 2.45 9.92 14.99
C ARG A 25 2.89 11.40 15.13
N VAL A 26 1.94 12.31 14.89
CA VAL A 26 2.19 13.71 15.05
C VAL A 26 2.50 14.06 16.52
N LYS A 27 1.64 13.67 17.47
CA LYS A 27 1.85 13.95 18.91
C LYS A 27 3.18 13.41 19.39
N ARG A 28 3.58 12.27 18.84
CA ARG A 28 4.83 11.63 19.24
C ARG A 28 5.99 12.51 18.82
N GLU A 29 5.92 13.07 17.62
CA GLU A 29 6.97 13.99 17.13
C GLU A 29 7.01 15.30 17.90
N ILE A 30 5.85 15.83 18.25
CA ILE A 30 5.75 17.05 19.04
C ILE A 30 6.43 16.87 20.40
N HIS A 31 6.30 15.69 21.02
CA HIS A 31 6.98 15.42 22.29
C HIS A 31 8.48 15.56 22.19
N ALA A 32 9.05 15.27 21.02
CA ALA A 32 10.48 15.43 20.77
C ALA A 32 10.79 16.82 20.14
N ARG A 33 9.84 17.75 20.24
CA ARG A 33 10.04 19.14 19.85
C ARG A 33 10.37 19.30 18.38
N ARG A 34 9.86 18.39 17.55
CA ARG A 34 9.96 18.55 16.12
C ARG A 34 8.64 19.15 15.68
N SER A 35 8.67 20.03 14.70
CA SER A 35 7.48 20.79 14.32
C SER A 35 6.67 20.06 13.25
N CYS A 36 5.35 20.20 13.31
CA CYS A 36 4.44 19.46 12.46
C CYS A 36 3.42 20.31 11.74
N PHE A 37 3.27 20.05 10.45
CA PHE A 37 2.29 20.72 9.63
C PHE A 37 1.23 19.71 9.17
N VAL A 38 0.00 19.89 9.65
CA VAL A 38 -1.09 19.01 9.36
C VAL A 38 -1.90 19.65 8.25
N ILE A 39 -2.09 18.91 7.17
CA ILE A 39 -2.86 19.38 6.03
C ILE A 39 -4.11 18.55 5.82
N LYS A 40 -5.27 19.20 5.77
CA LYS A 40 -6.55 18.53 5.71
C LYS A 40 -7.28 18.90 4.42
N TYR A 41 -8.31 18.13 4.05
CA TYR A 41 -9.03 18.36 2.81
C TYR A 41 -10.20 19.27 3.11
N SER A 42 -10.22 20.45 2.51
CA SER A 42 -11.17 21.48 2.92
C SER A 42 -12.60 21.06 2.63
N LYS A 43 -12.84 20.28 1.59
CA LYS A 43 -14.21 19.93 1.24
C LYS A 43 -14.83 18.83 2.11
N ASP A 44 -14.04 18.10 2.87
CA ASP A 44 -14.66 17.17 3.82
C ASP A 44 -14.95 17.90 5.11
N THR A 45 -16.18 18.35 5.25
CA THR A 45 -16.55 19.20 6.38
C THR A 45 -17.29 18.46 7.50
N ARG A 46 -17.30 17.13 7.49
CA ARG A 46 -18.12 16.41 8.46
C ARG A 46 -17.73 16.73 9.91
N TYR A 47 -16.43 16.66 10.18
CA TYR A 47 -15.87 16.91 11.50
C TYR A 47 -16.30 18.27 12.01
N ASP A 48 -16.08 19.32 11.20
CA ASP A 48 -16.42 20.70 11.59
C ASP A 48 -17.90 21.02 11.73
N GLU A 49 -18.73 20.49 10.83
CA GLU A 49 -20.17 20.84 10.81
C GLU A 49 -21.01 20.15 11.92
N HIS A 50 -20.41 19.25 12.72
CA HIS A 50 -21.13 18.54 13.80
C HIS A 50 -20.22 18.19 15.01
N ASN A 51 -19.34 19.13 15.39
CA ASN A 51 -18.35 18.92 16.48
C ASN A 51 -17.65 20.22 16.95
N VAL A 52 -17.19 20.29 18.20
CA VAL A 52 -16.69 21.54 18.80
C VAL A 52 -15.15 21.71 18.79
N ALA A 53 -14.71 22.96 18.66
CA ALA A 53 -13.27 23.32 18.59
C ALA A 53 -12.44 22.59 19.65
N LEU A 58 -1.35 23.20 19.56
CA LEU A 58 -0.11 23.19 20.31
C LEU A 58 0.85 24.27 19.78
N MET A 59 1.98 24.48 20.46
CA MET A 59 2.97 25.52 20.07
C MET A 59 3.78 25.15 18.80
N LEU A 60 4.06 23.86 18.60
CA LEU A 60 4.87 23.37 17.46
C LEU A 60 4.05 22.73 16.35
N ARG A 61 2.82 23.16 16.20
CA ARG A 61 1.88 22.55 15.30
C ARG A 61 1.17 23.61 14.48
N ALA A 62 0.96 23.33 13.19
CA ALA A 62 0.13 24.17 12.38
C ALA A 62 -0.85 23.30 11.60
N GLN A 63 -2.01 23.86 11.29
CA GLN A 63 -3.04 23.09 10.57
C GLN A 63 -3.57 23.89 9.39
N ALA A 64 -3.70 23.27 8.25
CA ALA A 64 -4.28 23.93 7.09
C ALA A 64 -5.33 23.06 6.42
N ALA A 65 -6.36 23.67 5.86
CA ALA A 65 -7.46 22.99 5.19
C ALA A 65 -7.48 23.51 3.76
N VAL A 66 -7.31 22.63 2.78
CA VAL A 66 -7.20 23.05 1.39
C VAL A 66 -7.80 21.99 0.51
N SER A 67 -7.97 22.30 -0.77
CA SER A 67 -8.45 21.31 -1.74
C SER A 67 -7.38 20.87 -2.74
N GLN A 68 -6.32 21.68 -2.84
CA GLN A 68 -5.17 21.38 -3.68
C GLN A 68 -3.95 21.66 -2.80
N LEU A 69 -2.91 20.83 -2.94
CA LEU A 69 -1.71 20.98 -2.11
C LEU A 69 -0.89 22.22 -2.50
N THR A 70 -1.07 22.74 -3.69
CA THR A 70 -0.42 23.99 -4.07
C THR A 70 -0.89 25.20 -3.24
N GLU A 71 -2.11 25.16 -2.68
CA GLU A 71 -2.67 26.22 -1.83
C GLU A 71 -1.83 26.51 -0.59
N VAL A 72 -0.85 25.65 -0.35
CA VAL A 72 0.04 25.73 0.82
C VAL A 72 1.41 26.33 0.44
N ARG A 73 1.70 26.38 -0.87
CA ARG A 73 2.91 26.98 -1.43
C ARG A 73 4.19 26.43 -0.80
N ASP A 74 4.94 27.30 -0.13
CA ASP A 74 6.21 26.92 0.47
C ASP A 74 6.09 26.74 1.96
N THR A 75 4.90 26.89 2.51
CA THR A 75 4.83 27.00 3.95
C THR A 75 5.34 25.72 4.62
N TRP A 76 5.24 24.60 3.92
CA TRP A 76 5.71 23.32 4.43
C TRP A 76 7.20 23.30 4.79
N LYS A 77 8.03 24.15 4.15
CA LYS A 77 9.49 24.13 4.34
C LYS A 77 9.97 24.42 5.76
N ARG A 78 9.14 25.08 6.55
CA ARG A 78 9.52 25.46 7.90
C ARG A 78 9.26 24.37 8.92
N PHE A 79 8.67 23.28 8.49
CA PHE A 79 8.26 22.21 9.39
C PHE A 79 9.10 20.95 9.18
N ASP A 80 9.29 20.20 10.25
CA ASP A 80 10.07 18.96 10.25
C ASP A 80 9.21 17.85 9.71
N VAL A 81 7.91 17.90 10.01
CA VAL A 81 7.02 16.81 9.72
C VAL A 81 5.77 17.33 9.03
N LEU A 82 5.35 16.66 7.94
CA LEU A 82 4.11 16.99 7.24
C LEU A 82 3.15 15.82 7.33
N ALA A 83 1.90 16.10 7.70
CA ALA A 83 0.91 15.09 7.98
C ALA A 83 -0.31 15.41 7.11
N ILE A 84 -0.55 14.62 6.08
CA ILE A 84 -1.57 14.92 5.11
C ILE A 84 -2.71 13.97 5.36
N ASP A 85 -3.89 14.51 5.59
CA ASP A 85 -5.06 13.73 5.93
C ASP A 85 -6.02 13.60 4.74
N GLU A 86 -6.65 12.42 4.59
CA GLU A 86 -7.52 12.11 3.47
C GLU A 86 -6.80 12.37 2.16
N GLY A 87 -5.62 11.79 2.04
CA GLY A 87 -4.76 12.04 0.87
C GLY A 87 -5.34 11.65 -0.47
N GLN A 88 -6.37 10.80 -0.45
CA GLN A 88 -6.97 10.36 -1.70
C GLN A 88 -7.51 11.49 -2.53
N PHE A 89 -7.80 12.63 -1.91
CA PHE A 89 -8.45 13.73 -2.63
C PHE A 89 -7.48 14.71 -3.28
N PHE A 90 -6.19 14.61 -3.02
CA PHE A 90 -5.23 15.55 -3.59
C PHE A 90 -4.59 15.02 -4.87
N SER A 91 -4.79 15.72 -5.98
CA SER A 91 -4.30 15.22 -7.27
C SER A 91 -2.76 15.28 -7.44
N ASP A 92 -2.09 16.17 -6.69
CA ASP A 92 -0.65 16.38 -6.82
C ASP A 92 0.15 15.72 -5.67
N LEU A 93 -0.46 14.72 -5.05
CA LEU A 93 0.08 14.09 -3.87
C LEU A 93 1.48 13.51 -4.03
N VAL A 94 1.68 12.76 -5.10
CA VAL A 94 2.93 12.10 -5.29
C VAL A 94 4.07 13.13 -5.38
N ASP A 95 3.99 14.06 -6.34
CA ASP A 95 5.03 15.09 -6.54
C ASP A 95 5.27 15.88 -5.22
N PHE A 96 4.20 16.26 -4.55
CA PHE A 96 4.30 17.01 -3.30
C PHE A 96 5.03 16.22 -2.17
N CYS A 97 4.65 14.95 -1.97
CA CYS A 97 5.29 14.16 -0.94
C CYS A 97 6.76 13.91 -1.27
N ASN A 98 7.11 13.54 -2.51
CA ASN A 98 8.53 13.32 -2.82
C ASN A 98 9.41 14.56 -2.70
N THR A 99 8.89 15.71 -3.13
CA THR A 99 9.63 16.95 -3.05
C THR A 99 9.94 17.24 -1.60
N ALA A 100 8.95 17.07 -0.73
CA ALA A 100 9.18 17.28 0.70
C ALA A 100 10.16 16.25 1.33
N ALA A 101 9.90 14.95 1.06
CA ALA A 101 10.77 13.92 1.60
C ALA A 101 12.21 14.06 1.10
N ASP A 102 12.36 14.48 -0.14
CA ASP A 102 13.69 14.71 -0.67
C ASP A 102 14.37 15.92 -0.01
N ALA A 103 13.58 16.87 0.48
CA ALA A 103 14.14 18.00 1.23
C ALA A 103 14.33 17.69 2.71
N GLY A 104 14.12 16.44 3.11
CA GLY A 104 14.39 16.00 4.49
C GLY A 104 13.19 15.99 5.42
N LYS A 105 11.99 16.21 4.87
CA LYS A 105 10.81 16.15 5.71
C LYS A 105 10.36 14.70 5.93
N VAL A 106 9.78 14.46 7.11
CA VAL A 106 9.05 13.26 7.40
C VAL A 106 7.61 13.53 6.96
N VAL A 107 7.20 12.86 5.88
CA VAL A 107 5.89 13.02 5.34
C VAL A 107 5.07 11.78 5.73
N MET A 108 3.86 12.00 6.24
CA MET A 108 2.97 10.97 6.71
C MET A 108 1.63 11.29 6.07
N VAL A 109 1.02 10.29 5.46
CA VAL A 109 -0.23 10.47 4.74
C VAL A 109 -1.25 9.46 5.27
N SER A 110 -2.45 9.91 5.57
CA SER A 110 -3.54 9.03 5.91
C SER A 110 -4.46 9.05 4.73
N ALA A 111 -4.89 7.90 4.25
CA ALA A 111 -5.82 7.84 3.12
C ALA A 111 -6.49 6.50 2.97
N LEU A 112 -7.63 6.52 2.28
CA LEU A 112 -8.24 5.30 1.71
C LEU A 112 -7.43 4.91 0.50
N ASP A 113 -7.05 3.65 0.44
CA ASP A 113 -6.38 3.14 -0.74
C ASP A 113 -7.40 2.84 -1.83
N GLY A 114 -8.60 2.42 -1.41
CA GLY A 114 -9.64 2.04 -2.33
C GLY A 114 -10.91 2.82 -2.13
N ASP A 115 -11.62 3.08 -3.25
CA ASP A 115 -12.92 3.67 -3.17
C ASP A 115 -13.94 2.57 -2.97
N TYR A 116 -15.20 2.92 -3.04
CA TYR A 116 -16.27 1.99 -2.74
C TYR A 116 -16.36 0.79 -3.72
N ARG A 117 -15.64 0.86 -4.84
CA ARG A 117 -15.64 -0.22 -5.85
C ARG A 117 -14.29 -0.96 -5.78
N ARG A 118 -13.46 -0.60 -4.80
CA ARG A 118 -12.11 -1.08 -4.66
C ARG A 118 -11.22 -0.72 -5.82
N LYS A 119 -11.53 0.38 -6.46
CA LYS A 119 -10.66 0.96 -7.45
C LYS A 119 -9.71 1.86 -6.71
N PRO A 120 -8.52 2.07 -7.27
CA PRO A 120 -7.53 2.96 -6.65
C PRO A 120 -8.12 4.34 -6.42
N PHE A 121 -8.05 4.84 -5.19
CA PHE A 121 -8.61 6.16 -4.89
C PHE A 121 -7.50 7.20 -5.04
N GLY A 122 -7.71 8.15 -5.95
CA GLY A 122 -6.76 9.24 -6.22
C GLY A 122 -5.41 8.62 -6.57
N GLN A 123 -4.34 9.15 -5.97
CA GLN A 123 -2.97 8.74 -6.28
CA GLN A 123 -2.97 8.74 -6.28
C GLN A 123 -2.39 7.88 -5.15
N ILE A 124 -3.25 7.36 -4.28
CA ILE A 124 -2.75 6.58 -3.15
C ILE A 124 -1.95 5.34 -3.54
N CYS A 125 -2.50 4.55 -4.45
CA CYS A 125 -1.81 3.36 -4.94
C CYS A 125 -0.55 3.72 -5.70
N GLU A 126 -0.56 4.84 -6.39
CA GLU A 126 0.63 5.35 -7.06
C GLU A 126 1.78 5.76 -6.11
N LEU A 127 1.40 6.18 -4.90
CA LEU A 127 2.39 6.60 -3.93
C LEU A 127 3.15 5.39 -3.31
N VAL A 128 2.54 4.21 -3.31
CA VAL A 128 3.10 3.08 -2.58
C VAL A 128 4.57 2.83 -2.87
N PRO A 129 4.97 2.84 -4.15
CA PRO A 129 6.38 2.64 -4.54
C PRO A 129 7.36 3.69 -4.04
N TYR A 130 6.83 4.79 -3.51
CA TYR A 130 7.67 5.87 -2.98
C TYR A 130 7.78 5.83 -1.46
N CYS A 131 7.07 4.91 -0.82
CA CYS A 131 6.95 4.94 0.63
C CYS A 131 7.98 4.10 1.32
N GLU A 132 8.59 4.65 2.36
CA GLU A 132 9.45 3.82 3.21
C GLU A 132 8.62 2.84 4.05
N ALA A 133 7.34 3.18 4.25
CA ALA A 133 6.48 2.41 5.14
C ALA A 133 5.02 2.54 4.69
N VAL A 134 4.29 1.47 4.89
CA VAL A 134 2.92 1.37 4.49
C VAL A 134 2.24 0.51 5.53
N ASP A 135 1.28 1.08 6.24
CA ASP A 135 0.54 0.34 7.24
C ASP A 135 -0.93 0.35 6.84
N LYS A 136 -1.48 -0.84 6.61
CA LYS A 136 -2.87 -0.98 6.33
C LYS A 136 -3.62 -1.32 7.60
N LEU A 137 -4.53 -0.44 8.01
CA LEU A 137 -5.31 -0.65 9.22
C LEU A 137 -6.67 -1.30 8.88
N THR A 138 -7.19 -2.08 9.80
CA THR A 138 -8.48 -2.68 9.64
C THR A 138 -9.54 -1.93 10.42
N ALA A 139 -10.78 -2.02 9.94
CA ALA A 139 -11.96 -1.66 10.71
C ALA A 139 -12.57 -2.95 11.24
N VAL A 140 -13.72 -2.85 11.91
CA VAL A 140 -14.47 -4.05 12.30
C VAL A 140 -15.69 -4.05 11.43
N CYS A 141 -16.03 -5.19 10.87
CA CYS A 141 -17.06 -5.25 9.83
C CYS A 141 -18.36 -4.87 10.43
N MET A 142 -19.02 -3.91 9.79
CA MET A 142 -20.20 -3.27 10.35
C MET A 142 -21.45 -3.99 9.95
N MET A 143 -21.30 -5.09 9.21
CA MET A 143 -22.40 -5.97 8.86
C MET A 143 -22.47 -7.24 9.71
N CYS A 144 -21.39 -8.05 9.72
CA CYS A 144 -21.40 -9.32 10.46
C CYS A 144 -20.86 -9.16 11.86
N HIS A 145 -20.26 -8.01 12.15
CA HIS A 145 -19.73 -7.73 13.49
C HIS A 145 -18.69 -8.72 14.06
N GLU A 146 -18.22 -9.67 13.25
CA GLU A 146 -17.34 -10.75 13.78
C GLU A 146 -16.10 -11.00 12.97
N GLN A 147 -15.76 -10.04 12.12
CA GLN A 147 -14.68 -10.20 11.19
C GLN A 147 -14.00 -8.84 11.01
N PRO A 148 -12.69 -8.84 10.79
CA PRO A 148 -12.08 -7.56 10.44
C PRO A 148 -12.55 -7.09 9.07
N ALA A 149 -12.69 -5.78 8.90
CA ALA A 149 -13.06 -5.18 7.65
C ALA A 149 -11.87 -4.53 6.97
N CYS A 150 -11.73 -4.77 5.68
CA CYS A 150 -10.71 -4.16 4.86
C CYS A 150 -11.29 -3.35 3.71
N PHE A 151 -12.61 -3.35 3.54
CA PHE A 151 -13.26 -2.68 2.41
C PHE A 151 -14.33 -1.74 2.86
N THR A 152 -14.68 -0.81 1.96
CA THR A 152 -15.77 0.10 2.20
C THR A 152 -16.89 -0.09 1.18
N ARG A 153 -18.08 -0.30 1.68
CA ARG A 153 -19.24 -0.42 0.82
C ARG A 153 -20.06 0.89 0.89
N ARG A 154 -20.53 1.35 -0.26
CA ARG A 154 -21.41 2.54 -0.31
C ARG A 154 -22.83 2.07 -0.19
N THR A 155 -23.58 2.64 0.74
CA THR A 155 -24.94 2.13 1.00
C THR A 155 -26.03 2.93 0.30
N VAL A 156 -25.68 3.93 -0.52
CA VAL A 156 -26.66 4.67 -1.32
C VAL A 156 -26.29 4.58 -2.78
N ASN A 157 -27.29 4.66 -3.64
CA ASN A 157 -27.10 4.40 -5.04
C ASN A 157 -26.61 5.60 -5.85
N VAL A 158 -25.35 5.94 -5.68
CA VAL A 158 -24.66 7.04 -6.35
C VAL A 158 -23.41 6.47 -7.00
N GLU A 159 -23.16 6.81 -8.27
CA GLU A 159 -22.10 6.18 -9.09
C GLU A 159 -20.73 6.87 -8.84
N GLN A 160 -20.76 8.21 -8.75
CA GLN A 160 -19.51 8.95 -8.79
C GLN A 160 -18.57 8.57 -7.67
N GLN A 161 -17.30 8.72 -7.94
CA GLN A 161 -16.28 8.39 -6.98
C GLN A 161 -16.27 9.33 -5.74
N GLU A 162 -16.13 10.64 -5.93
CA GLU A 162 -16.12 11.52 -4.75
C GLU A 162 -17.54 11.74 -4.25
N LEU A 163 -17.79 11.27 -3.05
CA LEU A 163 -18.99 11.58 -2.36
C LEU A 163 -18.72 11.58 -0.85
N ILE A 164 -18.80 12.79 -0.28
CA ILE A 164 -18.46 13.03 1.11
C ILE A 164 -19.54 12.49 2.03
N GLY A 165 -19.16 11.74 3.06
CA GLY A 165 -20.17 11.24 3.98
C GLY A 165 -19.55 10.28 4.94
N GLY A 166 -20.34 9.89 5.92
CA GLY A 166 -19.89 8.96 6.93
C GLY A 166 -20.72 7.70 6.94
N ALA A 167 -21.11 7.31 8.14
CA ALA A 167 -21.83 6.07 8.40
C ALA A 167 -23.25 6.03 7.80
N ASP A 168 -23.76 7.17 7.40
CA ASP A 168 -25.06 7.27 6.73
C ASP A 168 -25.01 6.73 5.30
N MET A 169 -23.82 6.73 4.73
CA MET A 169 -23.60 6.52 3.33
C MET A 169 -22.59 5.40 2.99
N TYR A 170 -21.89 4.92 4.02
CA TYR A 170 -20.84 3.94 3.85
C TYR A 170 -20.80 3.04 5.07
N ILE A 171 -20.38 1.79 4.86
CA ILE A 171 -19.99 0.88 5.94
C ILE A 171 -18.71 0.08 5.59
N ALA A 172 -17.96 -0.29 6.62
CA ALA A 172 -16.76 -1.10 6.46
C ALA A 172 -17.19 -2.53 6.52
N THR A 173 -16.58 -3.34 5.67
CA THR A 173 -16.92 -4.73 5.53
C THR A 173 -15.73 -5.65 5.30
N CYS A 174 -15.90 -6.90 5.77
CA CYS A 174 -15.03 -8.02 5.42
C CYS A 174 -15.29 -8.36 3.97
N ARG A 175 -14.52 -9.30 3.44
CA ARG A 175 -14.66 -9.71 2.05
C ARG A 175 -16.01 -10.38 1.68
N GLU A 176 -16.47 -11.29 2.56
CA GLU A 176 -17.77 -11.95 2.37
C GLU A 176 -18.92 -10.95 2.41
N CYS A 177 -18.89 -9.98 3.32
CA CYS A 177 -19.98 -9.01 3.42
C CYS A 177 -19.90 -7.92 2.35
N TYR A 178 -18.74 -7.70 1.74
CA TYR A 178 -18.65 -6.72 0.68
C TYR A 178 -19.43 -7.17 -0.54
N SER A 179 -19.38 -8.47 -0.82
CA SER A 179 -19.98 -9.06 -2.02
C SER A 179 -21.44 -9.48 -1.82
N LYS A 180 -21.94 -9.45 -0.58
CA LYS A 180 -23.31 -9.93 -0.23
C LYS A 180 -24.29 -8.78 -0.19
N ARG B 4 -12.18 -17.63 6.05
CA ARG B 4 -12.37 -18.08 4.64
C ARG B 4 -11.27 -17.47 3.68
N GLY B 5 -11.70 -16.83 2.59
CA GLY B 5 -10.81 -16.27 1.58
C GLY B 5 -10.18 -14.92 1.91
N ARG B 6 -8.97 -14.69 1.42
CA ARG B 6 -8.28 -13.45 1.62
C ARG B 6 -7.13 -13.32 0.64
N ILE B 7 -6.67 -12.09 0.45
CA ILE B 7 -5.50 -11.80 -0.34
C ILE B 7 -4.52 -11.05 0.57
N GLU B 8 -3.28 -11.55 0.64
CA GLU B 8 -2.21 -10.95 1.42
C GLU B 8 -1.09 -10.63 0.48
N LEU B 9 -0.56 -9.42 0.62
CA LEU B 9 0.47 -8.93 -0.27
C LEU B 9 1.77 -8.71 0.52
N ILE B 10 2.88 -9.17 -0.06
CA ILE B 10 4.21 -9.01 0.53
C ILE B 10 5.03 -8.24 -0.48
N ILE B 11 5.36 -6.99 -0.18
CA ILE B 11 6.03 -6.15 -1.14
C ILE B 11 7.30 -5.59 -0.53
N GLY B 12 8.06 -4.84 -1.31
CA GLY B 12 9.31 -4.24 -0.88
C GLY B 12 10.22 -4.14 -2.09
N PRO B 13 11.44 -3.68 -1.87
CA PRO B 13 12.39 -3.65 -2.97
C PRO B 13 13.00 -5.02 -3.23
N MET B 14 13.99 -5.09 -4.10
CA MET B 14 14.79 -6.31 -4.21
C MET B 14 15.65 -6.53 -2.95
N PHE B 15 15.94 -7.78 -2.66
CA PHE B 15 16.91 -8.15 -1.64
C PHE B 15 16.34 -8.05 -0.25
N ALA B 16 15.03 -7.99 -0.18
CA ALA B 16 14.27 -7.86 1.08
C ALA B 16 13.75 -9.23 1.63
N GLY B 17 14.01 -10.34 0.94
CA GLY B 17 13.57 -11.67 1.39
C GLY B 17 12.08 -11.91 1.21
N LYS B 18 11.49 -11.36 0.16
CA LYS B 18 10.06 -11.41 0.03
C LYS B 18 9.62 -12.85 -0.22
N THR B 19 10.38 -13.57 -1.04
CA THR B 19 10.05 -14.96 -1.31
C THR B 19 10.20 -15.81 -0.04
N THR B 20 11.22 -15.51 0.76
CA THR B 20 11.40 -16.22 2.05
C THR B 20 10.21 -15.99 2.98
N GLU B 21 9.67 -14.78 3.01
CA GLU B 21 8.47 -14.54 3.84
C GLU B 21 7.24 -15.24 3.26
N LEU B 22 7.13 -15.28 1.94
CA LEU B 22 6.07 -16.04 1.30
C LEU B 22 6.12 -17.53 1.69
N MET B 23 7.32 -18.11 1.66
CA MET B 23 7.47 -19.51 1.92
C MET B 23 7.35 -19.80 3.41
N ARG B 24 7.69 -18.83 4.26
CA ARG B 24 7.40 -18.97 5.67
C ARG B 24 5.88 -19.11 5.86
N ARG B 25 5.10 -18.31 5.15
CA ARG B 25 3.65 -18.44 5.31
C ARG B 25 3.14 -19.78 4.76
N VAL B 26 3.74 -20.23 3.67
CA VAL B 26 3.40 -21.51 3.10
C VAL B 26 3.72 -22.66 4.07
N LYS B 27 4.95 -22.72 4.58
CA LYS B 27 5.36 -23.76 5.54
C LYS B 27 4.45 -23.79 6.78
N ARG B 28 4.03 -22.64 7.22
CA ARG B 28 3.17 -22.51 8.39
C ARG B 28 1.82 -23.20 8.14
N GLU B 29 1.30 -23.00 6.93
CA GLU B 29 0.07 -23.65 6.51
C GLU B 29 0.21 -25.17 6.37
N ILE B 30 1.32 -25.61 5.80
CA ILE B 30 1.60 -27.01 5.63
C ILE B 30 1.65 -27.72 7.00
N HIS B 31 2.19 -27.07 8.02
CA HIS B 31 2.17 -27.68 9.35
C HIS B 31 0.77 -27.97 9.88
N ALA B 32 -0.20 -27.16 9.47
CA ALA B 32 -1.60 -27.39 9.84
C ALA B 32 -2.38 -28.17 8.78
N ARG B 33 -1.65 -28.87 7.90
CA ARG B 33 -2.24 -29.76 6.92
C ARG B 33 -3.20 -29.09 5.97
N ARG B 34 -2.95 -27.84 5.67
CA ARG B 34 -3.66 -27.12 4.65
C ARG B 34 -2.77 -27.26 3.40
N SER B 35 -3.37 -27.43 2.23
CA SER B 35 -2.60 -27.68 1.00
C SER B 35 -2.26 -26.39 0.28
N CYS B 36 -1.07 -26.35 -0.33
CA CYS B 36 -0.52 -25.12 -0.90
C CYS B 36 -0.04 -25.26 -2.34
N PHE B 37 -0.42 -24.30 -3.17
CA PHE B 37 0.01 -24.26 -4.56
C PHE B 37 0.88 -23.02 -4.76
N VAL B 38 2.16 -23.26 -5.05
CA VAL B 38 3.12 -22.21 -5.27
C VAL B 38 3.24 -21.98 -6.77
N ILE B 39 3.02 -20.74 -7.21
CA ILE B 39 3.13 -20.36 -8.61
C ILE B 39 4.27 -19.39 -8.82
N LYS B 40 5.16 -19.70 -9.75
CA LYS B 40 6.37 -18.93 -10.01
C LYS B 40 6.35 -18.39 -11.43
N TYR B 41 7.22 -17.43 -11.72
CA TYR B 41 7.26 -16.81 -13.03
C TYR B 41 8.28 -17.54 -13.89
N SER B 42 7.84 -18.16 -14.98
CA SER B 42 8.69 -19.09 -15.73
C SER B 42 9.92 -18.40 -16.30
N LYS B 43 9.83 -17.11 -16.61
CA LYS B 43 10.98 -16.41 -17.23
C LYS B 43 12.11 -15.94 -16.31
N ASP B 44 11.96 -15.93 -14.98
CA ASP B 44 13.07 -15.49 -14.12
C ASP B 44 14.12 -16.61 -14.00
N LEU B 60 1.81 -32.10 0.71
CA LEU B 60 0.65 -31.22 0.52
C LEU B 60 1.06 -29.90 -0.19
N ARG B 61 2.05 -29.99 -1.09
CA ARG B 61 2.64 -28.84 -1.77
C ARG B 61 2.86 -29.11 -3.26
N ALA B 62 2.49 -28.17 -4.11
CA ALA B 62 2.74 -28.29 -5.54
C ALA B 62 3.38 -27.01 -6.01
N GLN B 63 4.16 -27.08 -7.08
CA GLN B 63 4.82 -25.90 -7.64
C GLN B 63 4.58 -25.83 -9.14
N ALA B 64 4.31 -24.65 -9.67
CA ALA B 64 4.20 -24.47 -11.13
C ALA B 64 4.95 -23.20 -11.55
N ALA B 65 5.50 -23.23 -12.74
CA ALA B 65 6.24 -22.10 -13.32
C ALA B 65 5.52 -21.71 -14.59
N VAL B 66 5.08 -20.46 -14.70
CA VAL B 66 4.29 -20.02 -15.86
C VAL B 66 4.57 -18.56 -16.12
N SER B 67 4.13 -18.06 -17.28
CA SER B 67 4.29 -16.65 -17.61
C SER B 67 2.97 -15.87 -17.57
N GLN B 68 1.87 -16.61 -17.59
CA GLN B 68 0.51 -16.09 -17.50
C GLN B 68 -0.21 -16.99 -16.52
N LEU B 69 -1.07 -16.42 -15.69
CA LEU B 69 -1.77 -17.21 -14.67
C LEU B 69 -2.87 -18.10 -15.25
N THR B 70 -3.33 -17.79 -16.45
CA THR B 70 -4.26 -18.69 -17.14
C THR B 70 -3.63 -20.06 -17.47
N GLU B 71 -2.30 -20.14 -17.62
CA GLU B 71 -1.59 -21.41 -17.88
C GLU B 71 -1.77 -22.47 -16.79
N VAL B 72 -2.39 -22.08 -15.69
CA VAL B 72 -2.66 -22.97 -14.56
C VAL B 72 -4.12 -23.49 -14.58
N ARG B 73 -4.96 -22.87 -15.40
CA ARG B 73 -6.32 -23.33 -15.65
C ARG B 73 -7.14 -23.42 -14.32
N ASP B 74 -7.64 -24.61 -14.01
CA ASP B 74 -8.47 -24.83 -12.84
C ASP B 74 -7.70 -25.55 -11.75
N THR B 75 -6.40 -25.75 -11.94
CA THR B 75 -5.68 -26.62 -11.02
C THR B 75 -5.64 -25.99 -9.63
N TRP B 76 -5.71 -24.65 -9.52
CA TRP B 76 -5.72 -23.96 -8.22
C TRP B 76 -6.90 -24.32 -7.31
N LYS B 77 -8.01 -24.80 -7.90
CA LYS B 77 -9.25 -25.07 -7.13
C LYS B 77 -9.06 -26.17 -6.09
N ARG B 78 -8.04 -27.00 -6.25
CA ARG B 78 -7.86 -28.19 -5.38
C ARG B 78 -7.05 -27.84 -4.13
N PHE B 79 -6.54 -26.62 -4.07
CA PHE B 79 -5.66 -26.22 -3.00
C PHE B 79 -6.35 -25.24 -2.05
N ASP B 80 -5.94 -25.27 -0.78
CA ASP B 80 -6.44 -24.35 0.23
C ASP B 80 -5.76 -23.00 0.13
N VAL B 81 -4.49 -23.00 -0.28
CA VAL B 81 -3.65 -21.83 -0.25
C VAL B 81 -2.91 -21.67 -1.56
N LEU B 82 -2.89 -20.47 -2.12
CA LEU B 82 -2.14 -20.16 -3.32
C LEU B 82 -1.07 -19.12 -3.03
N ALA B 83 0.12 -19.35 -3.51
CA ALA B 83 1.27 -18.52 -3.17
C ALA B 83 1.91 -18.10 -4.47
N ILE B 84 1.75 -16.85 -4.86
CA ILE B 84 2.21 -16.41 -6.16
C ILE B 84 3.49 -15.62 -5.94
N ASP B 85 4.56 -16.02 -6.58
CA ASP B 85 5.85 -15.36 -6.42
C ASP B 85 6.14 -14.44 -7.63
N GLU B 86 6.80 -13.32 -7.37
CA GLU B 86 7.13 -12.31 -8.39
C GLU B 86 5.87 -11.89 -9.12
N GLY B 87 4.86 -11.54 -8.35
CA GLY B 87 3.55 -11.21 -8.90
C GLY B 87 3.51 -10.04 -9.86
N GLN B 88 4.56 -9.21 -9.85
CA GLN B 88 4.63 -8.06 -10.75
C GLN B 88 4.56 -8.44 -12.22
N PHE B 89 4.93 -9.67 -12.59
CA PHE B 89 5.04 -10.06 -13.98
C PHE B 89 3.76 -10.63 -14.58
N PHE B 90 2.74 -10.89 -13.77
CA PHE B 90 1.49 -11.48 -14.24
C PHE B 90 0.43 -10.45 -14.55
N SER B 91 0.04 -10.36 -15.82
CA SER B 91 -0.90 -9.29 -16.25
C SER B 91 -2.35 -9.48 -15.73
N ASP B 92 -2.73 -10.72 -15.42
CA ASP B 92 -4.11 -11.07 -14.98
C ASP B 92 -4.21 -11.28 -13.47
N LEU B 93 -3.25 -10.74 -12.72
CA LEU B 93 -3.13 -10.96 -11.27
C LEU B 93 -4.38 -10.61 -10.48
N VAL B 94 -4.91 -9.43 -10.73
CA VAL B 94 -6.02 -8.97 -9.92
C VAL B 94 -7.20 -9.92 -10.06
N ASP B 95 -7.70 -10.12 -11.28
CA ASP B 95 -8.85 -11.04 -11.50
C ASP B 95 -8.59 -12.44 -10.91
N PHE B 96 -7.39 -12.96 -11.14
CA PHE B 96 -7.04 -14.28 -10.64
C PHE B 96 -7.07 -14.37 -9.11
N CYS B 97 -6.48 -13.39 -8.44
CA CYS B 97 -6.48 -13.39 -6.99
C CYS B 97 -7.91 -13.21 -6.45
N ASN B 98 -8.69 -12.31 -6.98
CA ASN B 98 -10.06 -12.13 -6.44
C ASN B 98 -10.97 -13.32 -6.68
N THR B 99 -10.83 -13.96 -7.82
CA THR B 99 -11.60 -15.13 -8.15
C THR B 99 -11.28 -16.19 -7.11
N ALA B 100 -9.99 -16.39 -6.83
CA ALA B 100 -9.61 -17.44 -5.87
C ALA B 100 -10.06 -17.09 -4.44
N ALA B 101 -9.78 -15.85 -4.01
CA ALA B 101 -10.17 -15.45 -2.68
C ALA B 101 -11.70 -15.49 -2.51
N ASP B 102 -12.43 -15.18 -3.57
CA ASP B 102 -13.89 -15.31 -3.55
C ASP B 102 -14.34 -16.74 -3.42
N ALA B 103 -13.56 -17.67 -3.94
CA ALA B 103 -13.89 -19.08 -3.78
C ALA B 103 -13.35 -19.67 -2.46
N GLY B 104 -12.81 -18.83 -1.56
CA GLY B 104 -12.41 -19.28 -0.23
C GLY B 104 -10.95 -19.65 -0.10
N LYS B 105 -10.15 -19.36 -1.13
CA LYS B 105 -8.70 -19.58 -1.01
C LYS B 105 -8.00 -18.46 -0.23
N VAL B 106 -6.95 -18.85 0.47
CA VAL B 106 -5.99 -17.94 1.00
C VAL B 106 -4.94 -17.68 -0.07
N VAL B 107 -4.93 -16.45 -0.60
CA VAL B 107 -4.02 -16.06 -1.67
C VAL B 107 -2.96 -15.16 -1.09
N MET B 108 -1.71 -15.47 -1.39
CA MET B 108 -0.57 -14.74 -0.89
C MET B 108 0.26 -14.45 -2.10
N VAL B 109 0.67 -13.20 -2.23
CA VAL B 109 1.46 -12.77 -3.36
C VAL B 109 2.73 -12.10 -2.86
N SER B 110 3.87 -12.47 -3.44
CA SER B 110 5.14 -11.79 -3.17
C SER B 110 5.48 -11.00 -4.43
N ALA B 111 5.82 -9.73 -4.30
CA ALA B 111 6.13 -8.91 -5.47
C ALA B 111 6.88 -7.63 -5.11
N LEU B 112 7.56 -7.10 -6.12
CA LEU B 112 8.00 -5.71 -6.10
C LEU B 112 6.81 -4.78 -6.38
N ASP B 113 6.63 -3.76 -5.56
CA ASP B 113 5.57 -2.78 -5.79
C ASP B 113 6.04 -1.77 -6.80
N GLY B 114 7.34 -1.49 -6.79
CA GLY B 114 7.93 -0.56 -7.72
C GLY B 114 9.02 -1.15 -8.61
N ASP B 115 9.11 -0.64 -9.85
CA ASP B 115 10.22 -0.98 -10.71
C ASP B 115 11.39 -0.04 -10.41
N TYR B 116 12.43 -0.09 -11.24
CA TYR B 116 13.65 0.67 -10.97
C TYR B 116 13.49 2.19 -11.02
N ARG B 117 12.35 2.66 -11.50
CA ARG B 117 12.08 4.09 -11.54
C ARG B 117 11.03 4.48 -10.52
N ARG B 118 10.65 3.52 -9.69
CA ARG B 118 9.56 3.67 -8.71
C ARG B 118 8.19 3.89 -9.33
N LYS B 119 8.02 3.38 -10.52
CA LYS B 119 6.71 3.33 -11.15
C LYS B 119 6.08 2.05 -10.71
N PRO B 120 4.75 2.01 -10.70
CA PRO B 120 4.02 0.78 -10.34
C PRO B 120 4.43 -0.37 -11.19
N PHE B 121 4.80 -1.49 -10.58
CA PHE B 121 5.25 -2.64 -11.34
C PHE B 121 4.07 -3.56 -11.55
N GLY B 122 3.71 -3.80 -12.83
CA GLY B 122 2.59 -4.65 -13.19
C GLY B 122 1.31 -4.18 -12.53
N GLN B 123 0.56 -5.11 -11.94
CA GLN B 123 -0.70 -4.80 -11.30
C GLN B 123 -0.58 -4.77 -9.75
N ILE B 124 0.63 -4.69 -9.23
CA ILE B 124 0.78 -4.81 -7.79
C ILE B 124 0.07 -3.70 -7.04
N CYS B 125 0.27 -2.46 -7.50
CA CYS B 125 -0.36 -1.31 -6.84
C CYS B 125 -1.88 -1.35 -6.99
N GLU B 126 -2.34 -1.89 -8.10
CA GLU B 126 -3.76 -2.11 -8.31
C GLU B 126 -4.38 -3.12 -7.37
N LEU B 127 -3.57 -4.08 -6.92
CA LEU B 127 -4.08 -5.13 -6.05
C LEU B 127 -4.33 -4.63 -4.66
N VAL B 128 -3.62 -3.58 -4.26
CA VAL B 128 -3.63 -3.13 -2.87
C VAL B 128 -5.06 -2.99 -2.27
N PRO B 129 -5.97 -2.31 -2.96
CA PRO B 129 -7.35 -2.17 -2.52
C PRO B 129 -8.15 -3.45 -2.36
N TYR B 130 -7.60 -4.58 -2.83
CA TYR B 130 -8.28 -5.85 -2.69
C TYR B 130 -7.70 -6.70 -1.54
N CYS B 131 -6.65 -6.23 -0.90
CA CYS B 131 -5.92 -7.04 0.02
C CYS B 131 -6.43 -6.88 1.41
N GLU B 132 -6.57 -7.99 2.13
CA GLU B 132 -6.79 -7.93 3.57
C GLU B 132 -5.52 -7.49 4.33
N ALA B 133 -4.36 -7.72 3.73
CA ALA B 133 -3.12 -7.44 4.40
C ALA B 133 -2.09 -7.05 3.36
N VAL B 134 -1.21 -6.15 3.77
CA VAL B 134 -0.14 -5.66 2.95
C VAL B 134 1.06 -5.45 3.87
N ASP B 135 2.16 -6.18 3.62
CA ASP B 135 3.35 -6.03 4.41
C ASP B 135 4.51 -5.62 3.51
N LYS B 136 5.05 -4.43 3.76
CA LYS B 136 6.17 -3.95 3.00
C LYS B 136 7.44 -4.24 3.75
N LEU B 137 8.29 -5.06 3.17
CA LEU B 137 9.55 -5.45 3.80
C LEU B 137 10.68 -4.56 3.32
N THR B 138 11.64 -4.33 4.20
CA THR B 138 12.81 -3.52 3.84
C THR B 138 13.97 -4.41 3.55
N ALA B 139 14.87 -3.89 2.73
CA ALA B 139 16.20 -4.44 2.55
C ALA B 139 17.12 -3.58 3.35
N VAL B 140 18.42 -3.85 3.27
CA VAL B 140 19.41 -3.00 3.90
C VAL B 140 20.13 -2.37 2.75
N CYS B 141 20.40 -1.06 2.83
CA CYS B 141 20.88 -0.31 1.66
C CYS B 141 22.22 -0.80 1.32
N MET B 142 22.38 -1.14 0.05
CA MET B 142 23.58 -1.81 -0.41
C MET B 142 24.64 -0.82 -0.86
N MET B 143 24.37 0.48 -0.70
CA MET B 143 25.33 1.55 -0.95
C MET B 143 25.94 2.10 0.33
N CYS B 144 25.11 2.63 1.24
CA CYS B 144 25.64 3.25 2.46
C CYS B 144 25.71 2.27 3.60
N HIS B 145 25.11 1.09 3.44
CA HIS B 145 25.17 0.03 4.47
C HIS B 145 24.65 0.43 5.84
N GLU B 146 24.05 1.61 5.93
CA GLU B 146 23.82 2.30 7.19
C GLU B 146 22.32 2.59 7.41
N GLN B 147 21.46 2.18 6.48
CA GLN B 147 20.09 2.65 6.45
C GLN B 147 19.18 1.55 5.86
N PRO B 148 17.90 1.49 6.25
CA PRO B 148 17.00 0.56 5.55
C PRO B 148 16.76 1.01 4.11
N ALA B 149 16.60 0.04 3.22
CA ALA B 149 16.35 0.28 1.82
C ALA B 149 14.93 -0.07 1.45
N CYS B 150 14.25 0.84 0.77
CA CYS B 150 12.87 0.64 0.33
C CYS B 150 12.79 0.69 -1.19
N PHE B 151 13.89 1.00 -1.88
CA PHE B 151 13.87 1.16 -3.33
C PHE B 151 14.87 0.26 -4.00
N THR B 152 14.65 0.01 -5.28
CA THR B 152 15.62 -0.70 -6.12
C THR B 152 16.18 0.20 -7.22
N ARG B 153 17.51 0.26 -7.26
CA ARG B 153 18.19 1.00 -8.32
C ARG B 153 18.76 0.01 -9.32
N ARG B 154 18.65 0.34 -10.61
CA ARG B 154 19.24 -0.47 -11.67
C ARG B 154 20.63 0.05 -11.92
N THR B 155 21.63 -0.82 -11.88
CA THR B 155 23.03 -0.38 -12.02
C THR B 155 23.62 -0.52 -13.43
N VAL B 156 22.80 -0.92 -14.39
CA VAL B 156 23.23 -0.98 -15.78
C VAL B 156 22.31 -0.15 -16.65
N ASN B 157 22.86 0.36 -17.74
CA ASN B 157 22.18 1.34 -18.57
C ASN B 157 21.23 0.71 -19.59
N VAL B 158 20.09 0.20 -19.11
CA VAL B 158 19.04 -0.42 -19.92
C VAL B 158 17.70 0.23 -19.56
N GLU B 159 16.88 0.58 -20.57
CA GLU B 159 15.64 1.34 -20.35
C GLU B 159 14.47 0.44 -19.96
N GLN B 160 14.37 -0.71 -20.61
CA GLN B 160 13.18 -1.55 -20.56
C GLN B 160 12.79 -1.89 -19.13
N GLN B 161 11.48 -1.97 -18.87
CA GLN B 161 10.97 -2.29 -17.54
C GLN B 161 11.34 -3.71 -17.11
N GLU B 162 10.99 -4.70 -17.91
CA GLU B 162 11.37 -6.07 -17.54
C GLU B 162 12.82 -6.34 -17.91
N LEU B 163 13.64 -6.60 -16.91
CA LEU B 163 14.99 -7.06 -17.13
C LEU B 163 15.37 -7.95 -15.94
N ILE B 164 15.52 -9.23 -16.23
CA ILE B 164 15.76 -10.25 -15.23
C ILE B 164 17.23 -10.20 -14.77
N GLY B 165 17.46 -10.21 -13.48
CA GLY B 165 18.82 -10.18 -12.98
C GLY B 165 18.81 -10.00 -11.49
N GLY B 166 19.99 -10.12 -10.89
CA GLY B 166 20.17 -9.98 -9.48
C GLY B 166 21.12 -8.85 -9.18
N ALA B 167 22.04 -9.13 -8.25
CA ALA B 167 22.93 -8.14 -7.66
C ALA B 167 23.92 -7.58 -8.67
N ASP B 168 24.03 -8.26 -9.81
CA ASP B 168 24.91 -7.82 -10.90
C ASP B 168 24.34 -6.61 -11.62
N MET B 169 23.02 -6.40 -11.51
CA MET B 169 22.35 -5.32 -12.24
C MET B 169 21.37 -4.46 -11.43
N TYR B 170 21.24 -4.75 -10.13
CA TYR B 170 20.35 -4.01 -9.25
C TYR B 170 20.91 -3.98 -7.86
N ILE B 171 20.59 -2.91 -7.12
CA ILE B 171 20.88 -2.82 -5.69
C ILE B 171 19.72 -2.16 -4.96
N ALA B 172 19.56 -2.50 -3.70
CA ALA B 172 18.56 -1.91 -2.87
C ALA B 172 19.17 -0.69 -2.24
N THR B 173 18.37 0.36 -2.11
CA THR B 173 18.82 1.63 -1.58
C THR B 173 17.77 2.34 -0.70
N CYS B 174 18.29 3.12 0.26
CA CYS B 174 17.53 4.10 1.00
C CYS B 174 17.21 5.22 0.05
N ARG B 175 16.44 6.19 0.51
CA ARG B 175 15.99 7.31 -0.31
C ARG B 175 17.13 8.23 -0.76
N GLU B 176 18.03 8.54 0.16
CA GLU B 176 19.19 9.39 -0.15
C GLU B 176 20.09 8.73 -1.20
N CYS B 177 20.31 7.41 -1.08
CA CYS B 177 21.20 6.73 -2.02
C CYS B 177 20.53 6.42 -3.35
N TYR B 178 19.21 6.41 -3.40
CA TYR B 178 18.51 6.18 -4.66
C TYR B 178 18.75 7.35 -5.61
N SER B 179 18.76 8.56 -5.03
CA SER B 179 18.81 9.81 -5.77
C SER B 179 20.24 10.28 -6.05
N LYS B 180 21.24 9.63 -5.45
CA LYS B 180 22.66 9.97 -5.65
C LYS B 180 23.01 9.89 -7.14
N GLN B 181 23.37 11.04 -7.73
CA GLN B 181 23.80 11.24 -9.15
C GLN B 181 22.66 11.34 -10.17
N GLN B 182 21.85 10.27 -10.25
CA GLN B 182 20.67 10.18 -11.13
C GLN B 182 19.87 8.91 -10.81
N1B T5A C . -15.36 8.55 0.33
C6B T5A C . -15.25 7.29 0.77
C2B T5A C . -15.51 8.85 -1.03
O2B T5A C . -15.61 10.05 -1.41
N3B T5A C . -15.53 7.85 -1.92
C4B T5A C . -15.45 6.56 -1.54
O4B T5A C . -15.50 5.63 -2.35
C5B T5A C . -15.29 6.24 -0.13
C7B T5A C . -15.16 4.80 0.35
C5E T5A C . -13.42 9.15 4.04
C4E T5A C . -14.07 10.18 3.15
O4E T5A C . -13.96 9.86 1.76
C1E T5A C . -15.30 9.67 1.28
C2E T5A C . -16.21 9.47 2.47
C3E T5A C . -15.53 10.35 3.49
O3E T5A C . -15.90 11.72 3.27
PA T5A C . -11.05 8.65 5.07
O1A T5A C . -9.75 8.77 4.39
O2A T5A C . -11.63 7.28 5.39
O5E T5A C . -11.99 9.23 3.89
O3A T5A C . -11.35 9.77 6.16
PB T5A C . -11.18 9.73 7.73
O1B T5A C . -12.37 10.20 8.50
O2X T5A C . -9.90 10.51 7.86
O3B T5A C . -10.80 8.21 8.10
PC T5A C . -10.71 7.59 9.59
O1C T5A C . -10.21 6.19 9.29
O2C T5A C . -9.89 8.54 10.44
O3C T5A C . -12.24 7.63 9.99
PD T5A C . -12.91 7.18 11.36
O1D T5A C . -12.35 5.86 11.84
O2D T5A C . -14.35 7.18 11.11
O3D T5A C . -12.40 8.37 12.29
PE T5A C . -13.02 8.56 13.76
O1E T5A C . -11.95 8.75 14.75
O2E T5A C . -14.00 7.43 13.92
O5F T5A C . -13.96 9.87 13.51
C5F T5A C . -13.80 11.19 13.96
C4F T5A C . -13.43 12.16 12.83
O4F T5A C . -12.61 13.14 13.46
C1F T5A C . -11.29 13.19 12.97
C2F T5A C . -11.22 12.17 11.87
O2F T5A C . -10.80 12.86 10.71
C3F T5A C . -12.60 11.59 11.70
O3F T5A C . -13.13 11.93 10.42
N9A T5A C . -10.29 12.90 14.03
C4A T5A C . -9.34 13.75 14.45
N3A T5A C . -8.96 15.01 14.13
C2A T5A C . -7.92 15.60 14.76
N1A T5A C . -7.23 14.99 15.74
C6A T5A C . -7.49 13.72 16.17
N6A T5A C . -6.78 13.10 17.16
C5A T5A C . -8.62 13.02 15.51
N7A T5A C . -9.18 11.81 15.63
C8A T5A C . -10.19 11.76 14.73
ZN ZN D . -18.54 -9.17 7.66
N1B T5A E . 13.20 -6.60 -12.03
C6B T5A E . 13.52 -5.79 -11.01
C2B T5A E . 12.72 -6.07 -13.26
O2B T5A E . 12.46 -6.84 -14.23
N3B T5A E . 12.55 -4.73 -13.40
C4B T5A E . 12.84 -3.87 -12.42
O4B T5A E . 12.65 -2.64 -12.57
C5B T5A E . 13.35 -4.41 -11.13
C7B T5A E . 13.69 -3.49 -10.01
C5E T5A E . 13.18 -9.41 -8.86
C4E T5A E . 13.27 -9.72 -10.35
O4E T5A E . 12.53 -8.78 -11.14
C1E T5A E . 13.42 -8.06 -11.98
C2E T5A E . 14.86 -8.37 -11.58
C3E T5A E . 14.71 -9.68 -10.83
O3E T5A E . 14.96 -10.77 -11.72
PA T5A E . 11.41 -9.89 -6.92
O1A T5A E . 9.91 -9.95 -6.90
O2A T5A E . 12.20 -8.99 -6.05
O5E T5A E . 11.80 -9.56 -8.44
O3A T5A E . 11.98 -11.42 -6.87
PB T5A E . 12.56 -12.24 -5.61
O1B T5A E . 13.91 -12.81 -5.96
O2X T5A E . 11.41 -13.14 -5.33
O3B T5A E . 12.76 -11.21 -4.37
PC T5A E . 13.39 -11.63 -2.94
O1C T5A E . 12.78 -12.94 -2.62
O2C T5A E . 13.17 -10.43 -2.04
O3C T5A E . 14.94 -11.74 -3.30
PD T5A E . 16.17 -11.79 -2.32
O1D T5A E . 15.99 -11.11 -0.97
O2D T5A E . 17.43 -11.53 -3.09
O3D T5A E . 16.05 -13.36 -2.10
PE T5A E . 17.18 -14.24 -1.37
O1E T5A E . 16.27 -14.95 -0.42
O2E T5A E . 18.31 -13.40 -0.90
O5F T5A E . 17.72 -15.03 -2.68
C5F T5A E . 17.60 -16.40 -3.03
C4F T5A E . 16.91 -16.60 -4.39
O4F T5A E . 16.19 -17.84 -4.34
C1F T5A E . 14.77 -17.69 -4.17
C2F T5A E . 14.52 -16.19 -4.28
O2F T5A E . 13.42 -15.94 -5.18
C3F T5A E . 15.84 -15.58 -4.77
O3F T5A E . 15.84 -15.38 -6.21
N9A T5A E . 14.25 -18.30 -2.89
C4A T5A E . 13.46 -19.40 -2.80
N3A T5A E . 12.89 -20.28 -3.67
C2A T5A E . 12.12 -21.31 -3.26
N1A T5A E . 11.85 -21.55 -1.96
C6A T5A E . 12.34 -20.76 -0.98
N6A T5A E . 12.07 -21.01 0.33
C5A T5A E . 13.19 -19.60 -1.36
N7A T5A E . 13.83 -18.62 -0.71
C8A T5A E . 14.46 -17.84 -1.63
ZN ZN F . 21.86 4.30 1.60
#